data_2N9C
#
_entry.id   2N9C
#
_entity_poly.entity_id   1
_entity_poly.type   'polypeptide(L)'
_entity_poly.pdbx_seq_one_letter_code
;MTEYKLVVVGAGGVGKSHVW
;
_entity_poly.pdbx_strand_id   A
#
# COMPACT_ATOMS: atom_id res chain seq x y z
N MET A 1 -2.92 0.14 -6.38
CA MET A 1 -1.90 -0.36 -7.29
C MET A 1 -1.47 0.72 -8.28
N THR A 2 -1.07 1.87 -7.75
CA THR A 2 -0.64 2.98 -8.58
C THR A 2 0.82 3.34 -8.31
N GLU A 3 1.28 3.06 -7.10
CA GLU A 3 2.65 3.34 -6.71
C GLU A 3 3.10 2.42 -5.58
N TYR A 4 2.49 2.59 -4.42
CA TYR A 4 2.83 1.78 -3.25
C TYR A 4 1.70 0.82 -2.90
N LYS A 5 0.49 1.16 -3.34
CA LYS A 5 -0.69 0.33 -3.08
C LYS A 5 -0.53 -1.05 -3.70
N LEU A 6 0.40 -1.16 -4.64
CA LEU A 6 0.65 -2.42 -5.33
C LEU A 6 1.54 -3.33 -4.48
N VAL A 7 2.20 -2.74 -3.49
CA VAL A 7 3.08 -3.49 -2.60
C VAL A 7 2.51 -3.54 -1.18
N VAL A 8 2.28 -2.37 -0.61
CA VAL A 8 1.73 -2.28 0.74
C VAL A 8 0.35 -2.89 0.83
N VAL A 9 -0.56 -2.42 -0.01
CA VAL A 9 -1.92 -2.92 -0.04
C VAL A 9 -2.03 -4.17 -0.91
N GLY A 10 -1.12 -4.31 -1.86
CA GLY A 10 -1.13 -5.45 -2.74
C GLY A 10 -0.80 -6.74 -2.02
N ALA A 11 -0.19 -6.62 -0.85
CA ALA A 11 0.17 -7.80 -0.05
C ALA A 11 -0.92 -8.11 0.97
N GLY A 12 -1.59 -7.09 1.47
CA GLY A 12 -2.64 -7.29 2.45
C GLY A 12 -3.06 -5.99 3.13
N GLY A 13 -2.13 -5.04 3.19
CA GLY A 13 -2.42 -3.77 3.81
C GLY A 13 -1.63 -3.56 5.09
N VAL A 14 -0.37 -3.18 4.95
CA VAL A 14 0.51 -2.95 6.10
C VAL A 14 0.08 -1.69 6.85
N GLY A 15 -0.34 -0.67 6.11
CA GLY A 15 -0.76 0.57 6.73
C GLY A 15 0.19 1.72 6.43
N LYS A 16 0.94 1.60 5.33
CA LYS A 16 1.88 2.63 4.94
C LYS A 16 1.20 3.70 4.09
N SER A 17 0.44 3.26 3.09
CA SER A 17 -0.27 4.18 2.21
C SER A 17 -1.10 5.18 3.02
N HIS A 18 -1.55 4.74 4.19
CA HIS A 18 -2.36 5.60 5.05
C HIS A 18 -1.66 6.94 5.29
N VAL A 19 -0.33 6.92 5.26
CA VAL A 19 0.46 8.13 5.49
C VAL A 19 0.37 9.06 4.28
N TRP A 20 0.34 8.48 3.09
CA TRP A 20 0.25 9.26 1.86
C TRP A 20 -1.17 9.27 1.32
N MET A 1 -3.04 -0.03 -6.38
CA MET A 1 -1.99 -0.56 -7.26
C MET A 1 -1.59 0.47 -8.30
N THR A 2 -1.21 1.66 -7.84
CA THR A 2 -0.79 2.74 -8.73
C THR A 2 0.65 3.14 -8.47
N GLU A 3 1.10 2.94 -7.24
CA GLU A 3 2.47 3.28 -6.87
C GLU A 3 2.95 2.44 -5.68
N TYR A 4 2.31 2.64 -4.53
CA TYR A 4 2.66 1.89 -3.32
C TYR A 4 1.54 0.93 -2.94
N LYS A 5 0.34 1.22 -3.40
CA LYS A 5 -0.82 0.37 -3.10
C LYS A 5 -0.63 -1.03 -3.66
N LEU A 6 0.31 -1.16 -4.60
CA LEU A 6 0.60 -2.46 -5.21
C LEU A 6 1.51 -3.30 -4.32
N VAL A 7 2.14 -2.65 -3.35
CA VAL A 7 3.04 -3.33 -2.43
C VAL A 7 2.48 -3.33 -1.01
N VAL A 8 2.21 -2.14 -0.50
CA VAL A 8 1.67 -1.99 0.86
C VAL A 8 0.29 -2.62 0.96
N VAL A 9 -0.63 -2.16 0.11
CA VAL A 9 -2.00 -2.67 0.12
C VAL A 9 -2.09 -3.97 -0.67
N GLY A 10 -1.17 -4.16 -1.61
CA GLY A 10 -1.16 -5.37 -2.41
C GLY A 10 -0.86 -6.61 -1.59
N ALA A 11 -0.29 -6.41 -0.41
CA ALA A 11 0.04 -7.52 0.47
C ALA A 11 -1.06 -7.76 1.50
N GLY A 12 -1.52 -6.68 2.12
CA GLY A 12 -2.56 -6.78 3.13
C GLY A 12 -2.64 -5.55 4.02
N GLY A 13 -2.44 -4.37 3.42
CA GLY A 13 -2.49 -3.15 4.18
C GLY A 13 -1.50 -3.12 5.33
N VAL A 14 -0.22 -3.01 4.99
CA VAL A 14 0.84 -2.98 5.99
C VAL A 14 0.65 -1.81 6.95
N GLY A 15 0.14 -0.70 6.43
CA GLY A 15 -0.08 0.47 7.25
C GLY A 15 0.83 1.62 6.87
N LYS A 16 1.32 1.61 5.64
CA LYS A 16 2.20 2.66 5.14
C LYS A 16 1.46 3.61 4.22
N SER A 17 0.69 3.05 3.30
CA SER A 17 -0.07 3.86 2.34
C SER A 17 -0.94 4.88 3.07
N HIS A 18 -1.34 4.54 4.30
CA HIS A 18 -2.17 5.43 5.10
C HIS A 18 -1.52 6.80 5.25
N VAL A 19 -0.19 6.83 5.18
CA VAL A 19 0.55 8.07 5.31
C VAL A 19 0.25 9.02 4.15
N TRP A 20 0.28 8.48 2.93
CA TRP A 20 0.01 9.28 1.74
C TRP A 20 -1.46 9.19 1.36
N MET A 1 -2.95 0.23 -6.37
CA MET A 1 -1.94 -0.31 -7.27
C MET A 1 -1.48 0.73 -8.28
N THR A 2 -1.04 1.88 -7.78
CA THR A 2 -0.57 2.96 -8.64
C THR A 2 0.90 3.28 -8.37
N GLU A 3 1.34 3.06 -7.14
CA GLU A 3 2.72 3.32 -6.76
C GLU A 3 3.15 2.42 -5.60
N TYR A 4 2.53 2.63 -4.45
CA TYR A 4 2.84 1.84 -3.27
C TYR A 4 1.69 0.91 -2.90
N LYS A 5 0.49 1.26 -3.35
CA LYS A 5 -0.69 0.45 -3.09
C LYS A 5 -0.55 -0.94 -3.68
N LEU A 6 0.37 -1.09 -4.61
CA LEU A 6 0.61 -2.37 -5.26
C LEU A 6 1.51 -3.26 -4.40
N VAL A 7 2.15 -2.65 -3.41
CA VAL A 7 3.04 -3.39 -2.52
C VAL A 7 2.48 -3.43 -1.10
N VAL A 8 2.23 -2.25 -0.54
CA VAL A 8 1.70 -2.14 0.81
C VAL A 8 0.29 -2.73 0.89
N VAL A 9 -0.62 -2.21 0.08
CA VAL A 9 -1.99 -2.69 0.05
C VAL A 9 -2.12 -3.95 -0.78
N GLY A 10 -1.22 -4.13 -1.73
CA GLY A 10 -1.24 -5.30 -2.58
C GLY A 10 -0.98 -6.58 -1.81
N ALA A 11 -0.38 -6.44 -0.63
CA ALA A 11 -0.08 -7.60 0.21
C ALA A 11 -1.19 -7.85 1.22
N GLY A 12 -1.54 -6.83 1.98
CA GLY A 12 -2.59 -6.96 2.97
C GLY A 12 -2.74 -5.72 3.84
N GLY A 13 -2.51 -4.55 3.24
CA GLY A 13 -2.62 -3.31 3.98
C GLY A 13 -1.67 -3.25 5.16
N VAL A 14 -0.38 -3.10 4.88
CA VAL A 14 0.64 -3.02 5.92
C VAL A 14 0.39 -1.84 6.85
N GLY A 15 -0.13 -0.75 6.29
CA GLY A 15 -0.40 0.43 7.08
C GLY A 15 0.52 1.58 6.74
N LYS A 16 1.14 1.52 5.57
CA LYS A 16 2.06 2.57 5.14
C LYS A 16 1.37 3.53 4.17
N SER A 17 0.77 2.97 3.11
CA SER A 17 0.08 3.79 2.12
C SER A 17 -0.93 4.71 2.78
N HIS A 18 -1.48 4.27 3.91
CA HIS A 18 -2.46 5.06 4.65
C HIS A 18 -1.94 6.48 4.90
N VAL A 19 -0.61 6.60 5.03
CA VAL A 19 0.01 7.90 5.28
C VAL A 19 -0.15 8.82 4.08
N TRP A 20 0.14 8.29 2.90
CA TRP A 20 0.03 9.07 1.67
C TRP A 20 -1.41 9.08 1.16
N MET A 1 -3.23 0.25 -6.14
CA MET A 1 -2.32 -0.30 -7.12
C MET A 1 -1.96 0.73 -8.18
N THR A 2 -1.46 1.88 -7.74
CA THR A 2 -1.08 2.95 -8.65
C THR A 2 0.40 3.27 -8.54
N GLU A 3 0.97 3.06 -7.35
CA GLU A 3 2.38 3.32 -7.12
C GLU A 3 2.92 2.43 -6.01
N TYR A 4 2.42 2.64 -4.79
CA TYR A 4 2.85 1.86 -3.64
C TYR A 4 1.74 0.93 -3.16
N LYS A 5 0.50 1.29 -3.49
CA LYS A 5 -0.66 0.48 -3.10
C LYS A 5 -0.58 -0.92 -3.71
N LEU A 6 0.25 -1.07 -4.73
CA LEU A 6 0.42 -2.35 -5.40
C LEU A 6 1.39 -3.25 -4.63
N VAL A 7 2.13 -2.64 -3.71
CA VAL A 7 3.10 -3.39 -2.91
C VAL A 7 2.70 -3.41 -1.44
N VAL A 8 2.51 -2.22 -0.86
CA VAL A 8 2.12 -2.10 0.54
C VAL A 8 0.72 -2.66 0.77
N VAL A 9 -0.26 -2.11 0.06
CA VAL A 9 -1.64 -2.54 0.18
C VAL A 9 -1.88 -3.83 -0.60
N GLY A 10 -1.08 -4.05 -1.63
CA GLY A 10 -1.21 -5.24 -2.46
C GLY A 10 -0.94 -6.51 -1.67
N ALA A 11 -0.26 -6.37 -0.54
CA ALA A 11 0.06 -7.51 0.31
C ALA A 11 -1.11 -7.86 1.23
N GLY A 12 -1.72 -6.83 1.81
CA GLY A 12 -2.84 -7.05 2.71
C GLY A 12 -3.20 -5.80 3.50
N GLY A 13 -2.19 -4.99 3.79
CA GLY A 13 -2.42 -3.76 4.55
C GLY A 13 -1.48 -3.63 5.73
N VAL A 14 -0.32 -3.01 5.49
CA VAL A 14 0.67 -2.81 6.54
C VAL A 14 0.38 -1.54 7.34
N GLY A 15 -0.04 -0.49 6.63
CA GLY A 15 -0.34 0.77 7.29
C GLY A 15 0.65 1.85 6.94
N LYS A 16 1.37 1.66 5.84
CA LYS A 16 2.36 2.64 5.38
C LYS A 16 1.79 3.52 4.27
N SER A 17 1.42 2.90 3.17
CA SER A 17 0.86 3.63 2.03
C SER A 17 -0.30 4.51 2.47
N HIS A 18 -1.00 4.09 3.52
CA HIS A 18 -2.13 4.85 4.04
C HIS A 18 -1.74 6.30 4.30
N VAL A 19 -0.47 6.51 4.64
CA VAL A 19 0.04 7.84 4.93
C VAL A 19 -0.18 8.78 3.73
N TRP A 20 0.18 8.30 2.55
CA TRP A 20 0.03 9.09 1.33
C TRP A 20 -1.26 8.73 0.61
N MET A 1 -2.99 0.17 -6.35
CA MET A 1 -2.04 -0.36 -7.32
C MET A 1 -1.62 0.72 -8.31
N THR A 2 -1.16 1.85 -7.77
CA THR A 2 -0.72 2.96 -8.61
C THR A 2 0.76 3.28 -8.35
N GLU A 3 1.21 3.04 -7.13
CA GLU A 3 2.59 3.30 -6.76
C GLU A 3 3.04 2.38 -5.63
N TYR A 4 2.45 2.59 -4.45
CA TYR A 4 2.79 1.78 -3.28
C TYR A 4 1.63 0.86 -2.91
N LYS A 5 0.43 1.21 -3.34
CA LYS A 5 -0.75 0.42 -3.05
C LYS A 5 -0.62 -0.98 -3.65
N LEU A 6 0.29 -1.14 -4.60
CA LEU A 6 0.52 -2.43 -5.24
C LEU A 6 1.39 -3.32 -4.37
N VAL A 7 2.06 -2.73 -3.39
CA VAL A 7 2.92 -3.47 -2.49
C VAL A 7 2.37 -3.46 -1.06
N VAL A 8 2.22 -2.25 -0.51
CA VAL A 8 1.69 -2.10 0.85
C VAL A 8 0.30 -2.70 0.97
N VAL A 9 -0.60 -2.28 0.08
CA VAL A 9 -1.96 -2.77 0.08
C VAL A 9 -2.10 -4.04 -0.76
N GLY A 10 -1.20 -4.19 -1.73
CA GLY A 10 -1.24 -5.36 -2.59
C GLY A 10 -0.87 -6.64 -1.86
N ALA A 11 -0.20 -6.49 -0.72
CA ALA A 11 0.22 -7.64 0.07
C ALA A 11 -0.82 -7.96 1.16
N GLY A 12 -1.17 -6.96 1.95
CA GLY A 12 -2.13 -7.16 3.01
C GLY A 12 -2.36 -5.90 3.83
N GLY A 13 -2.26 -4.75 3.19
CA GLY A 13 -2.45 -3.49 3.89
C GLY A 13 -1.53 -3.34 5.07
N VAL A 14 -0.24 -3.17 4.80
CA VAL A 14 0.75 -3.01 5.86
C VAL A 14 0.40 -1.85 6.78
N GLY A 15 -0.17 -0.79 6.20
CA GLY A 15 -0.56 0.37 6.98
C GLY A 15 0.36 1.56 6.72
N LYS A 16 1.08 1.52 5.61
CA LYS A 16 1.99 2.60 5.25
C LYS A 16 1.33 3.58 4.29
N SER A 17 0.68 3.05 3.26
CA SER A 17 0.00 3.88 2.27
C SER A 17 -0.95 4.85 2.95
N HIS A 18 -1.48 4.45 4.09
CA HIS A 18 -2.41 5.29 4.85
C HIS A 18 -1.81 6.67 5.08
N VAL A 19 -0.49 6.74 5.16
CA VAL A 19 0.20 8.01 5.38
C VAL A 19 0.11 8.91 4.16
N TRP A 20 0.32 8.32 2.99
CA TRP A 20 0.26 9.07 1.74
C TRP A 20 -1.18 9.21 1.25
N MET A 1 -2.01 -0.42 -6.63
CA MET A 1 -1.81 -0.45 -8.08
C MET A 1 -1.53 0.96 -8.61
N THR A 2 -1.06 1.84 -7.73
CA THR A 2 -0.75 3.21 -8.12
C THR A 2 0.73 3.52 -7.91
N GLU A 3 1.33 2.86 -6.93
CA GLU A 3 2.75 3.07 -6.63
C GLU A 3 3.21 2.12 -5.52
N TYR A 4 2.67 2.32 -4.32
CA TYR A 4 3.03 1.49 -3.18
C TYR A 4 1.87 0.59 -2.77
N LYS A 5 0.66 1.00 -3.14
CA LYS A 5 -0.54 0.23 -2.82
C LYS A 5 -0.47 -1.17 -3.43
N LEU A 6 0.38 -1.33 -4.44
CA LEU A 6 0.55 -2.62 -5.11
C LEU A 6 1.43 -3.55 -4.28
N VAL A 7 2.15 -2.98 -3.33
CA VAL A 7 3.03 -3.76 -2.47
C VAL A 7 2.53 -3.79 -1.03
N VAL A 8 2.36 -2.60 -0.46
CA VAL A 8 1.87 -2.47 0.92
C VAL A 8 0.48 -3.06 1.06
N VAL A 9 -0.44 -2.60 0.22
CA VAL A 9 -1.82 -3.08 0.26
C VAL A 9 -2.00 -4.32 -0.61
N GLY A 10 -1.12 -4.46 -1.61
CA GLY A 10 -1.19 -5.60 -2.51
C GLY A 10 -0.82 -6.89 -1.82
N ALA A 11 -0.12 -6.79 -0.70
CA ALA A 11 0.30 -7.96 0.06
C ALA A 11 -0.70 -8.29 1.16
N GLY A 12 -1.25 -7.25 1.79
CA GLY A 12 -2.21 -7.45 2.87
C GLY A 12 -2.73 -6.15 3.42
N GLY A 13 -1.82 -5.21 3.69
CA GLY A 13 -2.21 -3.92 4.23
C GLY A 13 -1.42 -3.55 5.48
N VAL A 14 -0.26 -2.93 5.27
CA VAL A 14 0.59 -2.52 6.38
C VAL A 14 0.10 -1.23 7.00
N GLY A 15 -0.34 -0.29 6.16
CA GLY A 15 -0.84 0.97 6.64
C GLY A 15 0.01 2.15 6.18
N LYS A 16 0.77 1.93 5.12
CA LYS A 16 1.64 2.97 4.57
C LYS A 16 0.84 3.96 3.74
N SER A 17 0.07 3.43 2.79
CA SER A 17 -0.76 4.26 1.92
C SER A 17 -1.61 5.22 2.73
N HIS A 18 -2.00 4.80 3.92
CA HIS A 18 -2.82 5.62 4.80
C HIS A 18 -2.18 6.99 5.03
N VAL A 19 -0.85 7.03 4.94
CA VAL A 19 -0.11 8.27 5.13
C VAL A 19 -0.11 9.11 3.85
N TRP A 20 0.39 8.53 2.77
CA TRP A 20 0.45 9.22 1.48
C TRP A 20 -0.81 8.97 0.67
N MET A 1 -3.07 -0.02 -6.31
CA MET A 1 -2.04 -0.52 -7.21
C MET A 1 -1.66 0.53 -8.24
N THR A 2 -1.24 1.70 -7.76
CA THR A 2 -0.85 2.80 -8.64
C THR A 2 0.61 3.18 -8.41
N GLU A 3 1.08 3.00 -7.18
CA GLU A 3 2.44 3.34 -6.82
C GLU A 3 2.94 2.48 -5.66
N TYR A 4 2.32 2.66 -4.50
CA TYR A 4 2.70 1.90 -3.31
C TYR A 4 1.60 0.92 -2.92
N LYS A 5 0.37 1.21 -3.36
CA LYS A 5 -0.77 0.35 -3.06
C LYS A 5 -0.56 -1.05 -3.64
N LEU A 6 0.36 -1.16 -4.59
CA LEU A 6 0.64 -2.44 -5.23
C LEU A 6 1.62 -3.26 -4.38
N VAL A 7 2.24 -2.61 -3.39
CA VAL A 7 3.18 -3.28 -2.52
C VAL A 7 2.66 -3.34 -1.09
N VAL A 8 2.34 -2.17 -0.53
CA VAL A 8 1.82 -2.09 0.84
C VAL A 8 0.46 -2.77 0.94
N VAL A 9 -0.50 -2.30 0.15
CA VAL A 9 -1.84 -2.86 0.15
C VAL A 9 -1.90 -4.16 -0.65
N GLY A 10 -1.06 -4.25 -1.68
CA GLY A 10 -1.03 -5.44 -2.51
C GLY A 10 -0.68 -6.69 -1.73
N ALA A 11 -0.03 -6.51 -0.57
CA ALA A 11 0.36 -7.63 0.26
C ALA A 11 -0.75 -7.99 1.25
N GLY A 12 -1.52 -6.99 1.66
CA GLY A 12 -2.61 -7.23 2.60
C GLY A 12 -3.02 -5.97 3.33
N GLY A 13 -2.12 -4.99 3.39
CA GLY A 13 -2.43 -3.74 4.06
C GLY A 13 -1.64 -3.56 5.34
N VAL A 14 -0.35 -3.24 5.20
CA VAL A 14 0.52 -3.04 6.36
C VAL A 14 0.11 -1.80 7.14
N GLY A 15 -0.27 -0.75 6.42
CA GLY A 15 -0.67 0.49 7.06
C GLY A 15 0.30 1.62 6.81
N LYS A 16 1.08 1.50 5.74
CA LYS A 16 2.07 2.52 5.39
C LYS A 16 1.49 3.51 4.39
N SER A 17 0.89 2.99 3.32
CA SER A 17 0.30 3.82 2.29
C SER A 17 -0.66 4.85 2.89
N HIS A 18 -1.28 4.47 4.01
CA HIS A 18 -2.22 5.34 4.70
C HIS A 18 -1.60 6.72 4.95
N VAL A 19 -0.28 6.74 5.12
CA VAL A 19 0.43 7.98 5.37
C VAL A 19 0.30 8.94 4.19
N TRP A 20 0.39 8.41 2.99
CA TRP A 20 0.28 9.21 1.78
C TRP A 20 -1.18 9.50 1.44
N MET A 1 -3.09 0.05 -6.20
CA MET A 1 -2.12 -0.49 -7.14
C MET A 1 -1.73 0.55 -8.18
N THR A 2 -1.26 1.70 -7.72
CA THR A 2 -0.86 2.78 -8.62
C THR A 2 0.62 3.11 -8.44
N GLU A 3 1.13 2.91 -7.23
CA GLU A 3 2.53 3.19 -6.94
C GLU A 3 3.04 2.30 -5.80
N TYR A 4 2.48 2.50 -4.61
CA TYR A 4 2.87 1.73 -3.44
C TYR A 4 1.75 0.79 -3.00
N LYS A 5 0.52 1.13 -3.39
CA LYS A 5 -0.64 0.32 -3.05
C LYS A 5 -0.52 -1.08 -3.65
N LEU A 6 0.36 -1.23 -4.63
CA LEU A 6 0.56 -2.51 -5.29
C LEU A 6 1.52 -3.39 -4.49
N VAL A 7 2.21 -2.78 -3.53
CA VAL A 7 3.15 -3.50 -2.69
C VAL A 7 2.70 -3.52 -1.23
N VAL A 8 2.49 -2.34 -0.66
CA VAL A 8 2.06 -2.22 0.72
C VAL A 8 0.64 -2.74 0.89
N VAL A 9 -0.30 -2.12 0.18
CA VAL A 9 -1.70 -2.52 0.25
C VAL A 9 -1.94 -3.82 -0.50
N GLY A 10 -1.09 -4.11 -1.47
CA GLY A 10 -1.22 -5.33 -2.24
C GLY A 10 -1.00 -6.57 -1.40
N ALA A 11 -0.32 -6.40 -0.27
CA ALA A 11 -0.05 -7.52 0.63
C ALA A 11 -1.25 -7.82 1.52
N GLY A 12 -1.86 -6.77 2.04
CA GLY A 12 -3.02 -6.93 2.91
C GLY A 12 -3.27 -5.72 3.78
N GLY A 13 -2.24 -4.92 4.00
CA GLY A 13 -2.37 -3.73 4.81
C GLY A 13 -1.28 -3.61 5.86
N VAL A 14 -0.20 -2.93 5.50
CA VAL A 14 0.93 -2.74 6.41
C VAL A 14 0.76 -1.48 7.24
N GLY A 15 0.20 -0.44 6.62
CA GLY A 15 -0.01 0.81 7.33
C GLY A 15 0.87 1.93 6.81
N LYS A 16 1.38 1.75 5.58
CA LYS A 16 2.25 2.75 4.97
C LYS A 16 1.46 3.64 4.01
N SER A 17 0.86 3.02 3.00
CA SER A 17 0.08 3.75 2.01
C SER A 17 -0.96 4.63 2.69
N HIS A 18 -1.44 4.20 3.85
CA HIS A 18 -2.44 4.94 4.60
C HIS A 18 -1.99 6.38 4.81
N VAL A 19 -0.68 6.60 4.89
CA VAL A 19 -0.12 7.92 5.08
C VAL A 19 -0.33 8.80 3.84
N TRP A 20 0.03 8.27 2.68
CA TRP A 20 -0.12 8.99 1.43
C TRP A 20 -1.45 8.67 0.76
N MET A 1 -3.15 0.32 -6.19
CA MET A 1 -2.20 -0.26 -7.14
C MET A 1 -1.79 0.76 -8.20
N THR A 2 -1.28 1.90 -7.73
CA THR A 2 -0.85 2.97 -8.64
C THR A 2 0.64 3.25 -8.49
N GLU A 3 1.16 3.02 -7.28
CA GLU A 3 2.58 3.25 -7.00
C GLU A 3 3.06 2.35 -5.88
N TYR A 4 2.53 2.57 -4.67
CA TYR A 4 2.91 1.78 -3.52
C TYR A 4 1.77 0.87 -3.06
N LYS A 5 0.55 1.26 -3.44
CA LYS A 5 -0.63 0.48 -3.08
C LYS A 5 -0.58 -0.92 -3.68
N LEU A 6 0.28 -1.09 -4.68
CA LEU A 6 0.44 -2.39 -5.33
C LEU A 6 1.38 -3.29 -4.55
N VAL A 7 2.10 -2.70 -3.59
CA VAL A 7 3.04 -3.46 -2.78
C VAL A 7 2.59 -3.47 -1.32
N VAL A 8 2.41 -2.29 -0.74
CA VAL A 8 1.98 -2.17 0.64
C VAL A 8 0.57 -2.72 0.84
N VAL A 9 -0.38 -2.16 0.10
CA VAL A 9 -1.77 -2.59 0.20
C VAL A 9 -1.99 -3.88 -0.59
N GLY A 10 -1.22 -4.06 -1.65
CA GLY A 10 -1.36 -5.25 -2.46
C GLY A 10 -1.07 -6.52 -1.70
N ALA A 11 -0.37 -6.37 -0.57
CA ALA A 11 -0.02 -7.52 0.27
C ALA A 11 -1.17 -7.86 1.22
N GLY A 12 -1.74 -6.84 1.85
CA GLY A 12 -2.83 -7.05 2.78
C GLY A 12 -3.14 -5.81 3.59
N GLY A 13 -2.13 -4.98 3.82
CA GLY A 13 -2.34 -3.77 4.59
C GLY A 13 -1.32 -3.62 5.70
N VAL A 14 -0.22 -2.93 5.41
CA VAL A 14 0.84 -2.71 6.40
C VAL A 14 0.60 -1.44 7.18
N GLY A 15 0.07 -0.42 6.50
CA GLY A 15 -0.19 0.84 7.15
C GLY A 15 0.71 1.95 6.66
N LYS A 16 1.30 1.76 5.48
CA LYS A 16 2.19 2.75 4.90
C LYS A 16 1.44 3.65 3.92
N SER A 17 0.84 3.04 2.90
CA SER A 17 0.09 3.78 1.90
C SER A 17 -0.92 4.71 2.56
N HIS A 18 -1.43 4.31 3.72
CA HIS A 18 -2.41 5.10 4.44
C HIS A 18 -1.91 6.51 4.67
N VAL A 19 -0.60 6.66 4.75
CA VAL A 19 0.02 7.97 4.96
C VAL A 19 -0.15 8.87 3.74
N TRP A 20 0.20 8.33 2.57
CA TRP A 20 0.08 9.09 1.33
C TRP A 20 -1.17 8.68 0.56
N MET A 1 -2.93 0.21 -6.29
CA MET A 1 -1.96 -0.34 -7.21
C MET A 1 -1.51 0.71 -8.22
N THR A 2 -1.03 1.85 -7.72
CA THR A 2 -0.58 2.94 -8.58
C THR A 2 0.89 3.24 -8.36
N GLU A 3 1.37 2.99 -7.14
CA GLU A 3 2.77 3.23 -6.80
C GLU A 3 3.21 2.31 -5.66
N TYR A 4 2.63 2.51 -4.49
CA TYR A 4 2.97 1.70 -3.32
C TYR A 4 1.82 0.78 -2.94
N LYS A 5 0.61 1.14 -3.36
CA LYS A 5 -0.57 0.35 -3.07
C LYS A 5 -0.47 -1.04 -3.70
N LEU A 6 0.43 -1.18 -4.65
CA LEU A 6 0.63 -2.45 -5.34
C LEU A 6 1.54 -3.37 -4.52
N VAL A 7 2.22 -2.80 -3.53
CA VAL A 7 3.12 -3.56 -2.68
C VAL A 7 2.62 -3.60 -1.24
N VAL A 8 2.45 -2.42 -0.66
CA VAL A 8 1.98 -2.31 0.72
C VAL A 8 0.54 -2.78 0.84
N VAL A 9 -0.37 -2.12 0.12
CA VAL A 9 -1.78 -2.47 0.14
C VAL A 9 -2.04 -3.76 -0.62
N GLY A 10 -1.16 -4.06 -1.57
CA GLY A 10 -1.31 -5.27 -2.37
C GLY A 10 -1.23 -6.53 -1.52
N ALA A 11 -0.67 -6.40 -0.33
CA ALA A 11 -0.55 -7.54 0.58
C ALA A 11 -1.76 -7.65 1.50
N GLY A 12 -2.28 -6.50 1.91
CA GLY A 12 -3.44 -6.49 2.79
C GLY A 12 -3.53 -5.22 3.61
N GLY A 13 -2.39 -4.53 3.77
CA GLY A 13 -2.37 -3.30 4.54
C GLY A 13 -1.29 -3.30 5.60
N VAL A 14 -0.12 -2.76 5.24
CA VAL A 14 1.00 -2.69 6.17
C VAL A 14 0.94 -1.42 7.03
N GLY A 15 0.37 -0.37 6.47
CA GLY A 15 0.25 0.89 7.19
C GLY A 15 1.06 2.00 6.55
N LYS A 16 1.37 1.85 5.26
CA LYS A 16 2.15 2.84 4.53
C LYS A 16 1.23 3.73 3.70
N SER A 17 0.57 3.13 2.71
CA SER A 17 -0.33 3.87 1.83
C SER A 17 -1.34 4.67 2.64
N HIS A 18 -1.68 4.16 3.82
CA HIS A 18 -2.64 4.84 4.69
C HIS A 18 -2.23 6.28 4.94
N VAL A 19 -0.92 6.54 4.88
CA VAL A 19 -0.40 7.88 5.10
C VAL A 19 -0.57 8.74 3.85
N TRP A 20 -0.04 8.25 2.73
CA TRP A 20 -0.13 8.98 1.47
C TRP A 20 -1.38 8.57 0.69
N MET A 1 -3.12 0.24 -6.21
CA MET A 1 -2.15 -0.34 -7.13
C MET A 1 -1.70 0.69 -8.17
N THR A 2 -1.19 1.82 -7.69
CA THR A 2 -0.73 2.88 -8.57
C THR A 2 0.76 3.15 -8.38
N GLU A 3 1.25 2.93 -7.16
CA GLU A 3 2.66 3.15 -6.84
C GLU A 3 3.11 2.24 -5.71
N TYR A 4 2.55 2.46 -4.52
CA TYR A 4 2.90 1.66 -3.35
C TYR A 4 1.73 0.77 -2.94
N LYS A 5 0.53 1.15 -3.35
CA LYS A 5 -0.66 0.39 -3.02
C LYS A 5 -0.59 -1.02 -3.61
N LEU A 6 0.29 -1.20 -4.59
CA LEU A 6 0.47 -2.49 -5.24
C LEU A 6 1.41 -3.39 -4.45
N VAL A 7 2.08 -2.79 -3.46
CA VAL A 7 3.02 -3.54 -2.61
C VAL A 7 2.54 -3.57 -1.17
N VAL A 8 2.33 -2.39 -0.59
CA VAL A 8 1.87 -2.28 0.78
C VAL A 8 0.44 -2.81 0.94
N VAL A 9 -0.49 -2.17 0.23
CA VAL A 9 -1.89 -2.57 0.28
C VAL A 9 -2.11 -3.89 -0.48
N GLY A 10 -1.33 -4.10 -1.54
CA GLY A 10 -1.46 -5.30 -2.32
C GLY A 10 -1.32 -6.56 -1.49
N ALA A 11 -0.62 -6.44 -0.35
CA ALA A 11 -0.42 -7.57 0.54
C ALA A 11 -1.59 -7.75 1.49
N GLY A 12 -2.12 -6.63 1.99
CA GLY A 12 -3.25 -6.69 2.90
C GLY A 12 -3.40 -5.41 3.70
N GLY A 13 -2.31 -4.68 3.87
CA GLY A 13 -2.34 -3.44 4.62
C GLY A 13 -1.27 -3.37 5.68
N VAL A 14 -0.14 -2.76 5.34
CA VAL A 14 0.98 -2.63 6.27
C VAL A 14 0.86 -1.34 7.09
N GLY A 15 0.29 -0.32 6.48
CA GLY A 15 0.13 0.96 7.16
C GLY A 15 0.95 2.07 6.53
N LYS A 16 1.35 1.87 5.28
CA LYS A 16 2.14 2.85 4.55
C LYS A 16 1.25 3.75 3.70
N SER A 17 0.57 3.15 2.72
CA SER A 17 -0.30 3.90 1.84
C SER A 17 -1.30 4.74 2.63
N HIS A 18 -1.65 4.26 3.82
CA HIS A 18 -2.58 4.97 4.69
C HIS A 18 -2.13 6.41 4.92
N VAL A 19 -0.81 6.62 4.86
CA VAL A 19 -0.25 7.95 5.06
C VAL A 19 -0.40 8.80 3.82
N TRP A 20 0.06 8.29 2.69
CA TRP A 20 -0.03 9.01 1.42
C TRP A 20 -1.26 8.59 0.64
N MET A 1 -3.07 0.17 -6.20
CA MET A 1 -2.06 -0.41 -7.07
C MET A 1 -1.57 0.59 -8.11
N THR A 2 -1.15 1.76 -7.64
CA THR A 2 -0.67 2.80 -8.53
C THR A 2 0.80 3.12 -8.26
N GLU A 3 1.23 2.91 -7.02
CA GLU A 3 2.61 3.18 -6.64
C GLU A 3 3.02 2.30 -5.45
N TYR A 4 2.41 2.57 -4.30
CA TYR A 4 2.72 1.80 -3.09
C TYR A 4 1.57 0.87 -2.72
N LYS A 5 0.38 1.20 -3.22
CA LYS A 5 -0.81 0.39 -2.94
C LYS A 5 -0.68 -0.99 -3.58
N LEU A 6 0.27 -1.14 -4.49
CA LEU A 6 0.50 -2.41 -5.17
C LEU A 6 1.37 -3.32 -4.33
N VAL A 7 2.11 -2.74 -3.39
CA VAL A 7 2.99 -3.51 -2.52
C VAL A 7 2.46 -3.54 -1.09
N VAL A 8 2.26 -2.36 -0.51
CA VAL A 8 1.77 -2.25 0.85
C VAL A 8 0.37 -2.86 0.97
N VAL A 9 -0.55 -2.39 0.12
CA VAL A 9 -1.91 -2.88 0.13
C VAL A 9 -2.06 -4.11 -0.77
N GLY A 10 -1.21 -4.21 -1.77
CA GLY A 10 -1.25 -5.33 -2.69
C GLY A 10 -0.86 -6.63 -2.03
N ALA A 11 -0.17 -6.54 -0.90
CA ALA A 11 0.27 -7.72 -0.16
C ALA A 11 -0.78 -8.16 0.85
N GLY A 12 -1.42 -7.17 1.49
CA GLY A 12 -2.43 -7.47 2.48
C GLY A 12 -2.90 -6.24 3.23
N GLY A 13 -1.97 -5.33 3.52
CA GLY A 13 -2.31 -4.12 4.23
C GLY A 13 -1.40 -3.86 5.41
N VAL A 14 -0.30 -3.16 5.18
CA VAL A 14 0.66 -2.86 6.24
C VAL A 14 0.26 -1.59 6.98
N GLY A 15 -0.26 -0.61 6.24
CA GLY A 15 -0.67 0.65 6.86
C GLY A 15 0.23 1.79 6.49
N LYS A 16 0.91 1.67 5.35
CA LYS A 16 1.82 2.72 4.88
C LYS A 16 1.09 3.72 3.99
N SER A 17 0.37 3.20 3.00
CA SER A 17 -0.37 4.04 2.07
C SER A 17 -1.27 5.02 2.82
N HIS A 18 -1.72 4.61 4.00
CA HIS A 18 -2.59 5.46 4.82
C HIS A 18 -1.94 6.81 5.08
N VAL A 19 -0.61 6.83 5.08
CA VAL A 19 0.14 8.07 5.32
C VAL A 19 -0.01 9.03 4.14
N TRP A 20 0.29 8.53 2.94
CA TRP A 20 0.19 9.36 1.73
C TRP A 20 -1.26 9.51 1.31
N MET A 1 -1.57 -0.37 -6.49
CA MET A 1 -1.74 -0.51 -7.93
C MET A 1 -1.44 0.81 -8.63
N THR A 2 -1.08 1.82 -7.86
CA THR A 2 -0.77 3.14 -8.41
C THR A 2 0.70 3.49 -8.19
N GLU A 3 1.29 2.93 -7.14
CA GLU A 3 2.69 3.18 -6.82
C GLU A 3 3.16 2.28 -5.69
N TYR A 4 2.60 2.49 -4.51
CA TYR A 4 2.97 1.69 -3.34
C TYR A 4 1.83 0.77 -2.92
N LYS A 5 0.61 1.13 -3.32
CA LYS A 5 -0.58 0.35 -3.00
C LYS A 5 -0.46 -1.06 -3.56
N LEU A 6 0.41 -1.23 -4.55
CA LEU A 6 0.61 -2.53 -5.18
C LEU A 6 1.51 -3.41 -4.32
N VAL A 7 2.22 -2.80 -3.38
CA VAL A 7 3.11 -3.53 -2.50
C VAL A 7 2.58 -3.54 -1.06
N VAL A 8 2.36 -2.34 -0.52
CA VAL A 8 1.85 -2.21 0.84
C VAL A 8 0.48 -2.85 0.98
N VAL A 9 -0.44 -2.47 0.11
CA VAL A 9 -1.79 -3.02 0.14
C VAL A 9 -1.90 -4.27 -0.73
N GLY A 10 -1.04 -4.36 -1.73
CA GLY A 10 -1.06 -5.51 -2.62
C GLY A 10 -0.64 -6.78 -1.91
N ALA A 11 0.04 -6.64 -0.78
CA ALA A 11 0.49 -7.79 -0.01
C ALA A 11 -0.57 -8.23 1.00
N GLY A 12 -1.19 -7.25 1.67
CA GLY A 12 -2.21 -7.56 2.64
C GLY A 12 -2.78 -6.32 3.30
N GLY A 13 -1.90 -5.38 3.65
CA GLY A 13 -2.34 -4.15 4.27
C GLY A 13 -1.54 -3.82 5.52
N VAL A 14 -0.41 -3.13 5.32
CA VAL A 14 0.44 -2.75 6.44
C VAL A 14 -0.03 -1.45 7.08
N GLY A 15 -0.44 -0.51 6.25
CA GLY A 15 -0.92 0.77 6.75
C GLY A 15 0.00 1.92 6.39
N LYS A 16 0.82 1.72 5.37
CA LYS A 16 1.76 2.74 4.92
C LYS A 16 1.08 3.73 3.98
N SER A 17 0.41 3.21 2.96
CA SER A 17 -0.28 4.05 1.99
C SER A 17 -1.22 5.02 2.69
N HIS A 18 -1.74 4.62 3.84
CA HIS A 18 -2.64 5.46 4.61
C HIS A 18 -2.04 6.85 4.84
N VAL A 19 -0.72 6.90 4.91
CA VAL A 19 -0.01 8.16 5.13
C VAL A 19 -0.07 9.04 3.88
N TRP A 20 0.24 8.45 2.73
CA TRP A 20 0.23 9.18 1.47
C TRP A 20 -1.11 8.99 0.76
N MET A 1 -1.40 -0.68 -6.62
CA MET A 1 -1.58 -0.80 -8.06
C MET A 1 -1.28 0.53 -8.76
N THR A 2 -1.07 1.57 -7.97
CA THR A 2 -0.78 2.89 -8.51
C THR A 2 0.69 3.25 -8.33
N GLU A 3 1.30 2.71 -7.27
CA GLU A 3 2.70 2.98 -6.98
C GLU A 3 3.19 2.12 -5.82
N TYR A 4 2.64 2.36 -4.64
CA TYR A 4 3.03 1.61 -3.45
C TYR A 4 1.89 0.70 -2.99
N LYS A 5 0.68 1.03 -3.39
CA LYS A 5 -0.50 0.25 -3.03
C LYS A 5 -0.38 -1.17 -3.57
N LEU A 6 0.50 -1.37 -4.54
CA LEU A 6 0.69 -2.69 -5.14
C LEU A 6 1.61 -3.54 -4.27
N VAL A 7 2.31 -2.89 -3.34
CA VAL A 7 3.22 -3.60 -2.43
C VAL A 7 2.71 -3.54 -1.00
N VAL A 8 2.49 -2.34 -0.50
CA VAL A 8 2.01 -2.15 0.86
C VAL A 8 0.63 -2.76 1.04
N VAL A 9 -0.31 -2.36 0.19
CA VAL A 9 -1.67 -2.87 0.25
C VAL A 9 -1.81 -4.17 -0.53
N GLY A 10 -0.95 -4.34 -1.53
CA GLY A 10 -0.99 -5.54 -2.36
C GLY A 10 -0.62 -6.79 -1.57
N ALA A 11 0.03 -6.60 -0.43
CA ALA A 11 0.44 -7.72 0.41
C ALA A 11 -0.62 -8.02 1.46
N GLY A 12 -1.42 -7.02 1.80
CA GLY A 12 -2.46 -7.20 2.79
C GLY A 12 -2.79 -5.93 3.54
N GLY A 13 -1.85 -4.97 3.51
CA GLY A 13 -2.06 -3.71 4.20
C GLY A 13 -1.12 -3.53 5.37
N VAL A 14 0.08 -3.03 5.10
CA VAL A 14 1.07 -2.80 6.13
C VAL A 14 0.70 -1.61 7.01
N GLY A 15 0.13 -0.59 6.38
CA GLY A 15 -0.27 0.60 7.12
C GLY A 15 0.54 1.83 6.73
N LYS A 16 1.16 1.77 5.55
CA LYS A 16 1.97 2.87 5.06
C LYS A 16 1.23 3.64 3.96
N SER A 17 0.64 2.90 3.03
CA SER A 17 -0.08 3.51 1.92
C SER A 17 -1.12 4.51 2.45
N HIS A 18 -1.63 4.25 3.65
CA HIS A 18 -2.63 5.11 4.25
C HIS A 18 -2.10 6.54 4.39
N VAL A 19 -0.81 6.66 4.64
CA VAL A 19 -0.17 7.97 4.79
C VAL A 19 -0.37 8.81 3.54
N TRP A 20 0.09 8.30 2.41
CA TRP A 20 -0.03 9.01 1.14
C TRP A 20 -1.27 8.55 0.37
N MET A 1 -3.16 0.22 -6.25
CA MET A 1 -2.18 -0.42 -7.11
C MET A 1 -1.69 0.54 -8.18
N THR A 2 -1.21 1.71 -7.75
CA THR A 2 -0.71 2.71 -8.68
C THR A 2 0.76 3.00 -8.44
N GLU A 3 1.19 2.86 -7.19
CA GLU A 3 2.59 3.10 -6.83
C GLU A 3 2.99 2.26 -5.63
N TYR A 4 2.40 2.56 -4.47
CA TYR A 4 2.70 1.83 -3.24
C TYR A 4 1.53 0.93 -2.84
N LYS A 5 0.35 1.26 -3.34
CA LYS A 5 -0.85 0.48 -3.04
C LYS A 5 -0.77 -0.91 -3.66
N LEU A 6 0.18 -1.09 -4.56
CA LEU A 6 0.38 -2.38 -5.23
C LEU A 6 1.25 -3.30 -4.38
N VAL A 7 2.02 -2.71 -3.47
CA VAL A 7 2.90 -3.48 -2.60
C VAL A 7 2.40 -3.46 -1.16
N VAL A 8 2.27 -2.26 -0.60
CA VAL A 8 1.80 -2.11 0.77
C VAL A 8 0.38 -2.63 0.92
N VAL A 9 -0.54 -2.09 0.12
CA VAL A 9 -1.93 -2.51 0.17
C VAL A 9 -2.16 -3.77 -0.66
N GLY A 10 -1.31 -3.98 -1.67
CA GLY A 10 -1.43 -5.15 -2.52
C GLY A 10 -1.08 -6.42 -1.80
N ALA A 11 -0.34 -6.31 -0.70
CA ALA A 11 0.08 -7.46 0.08
C ALA A 11 -0.97 -7.82 1.13
N GLY A 12 -1.74 -6.81 1.55
CA GLY A 12 -2.77 -7.04 2.56
C GLY A 12 -3.03 -5.81 3.40
N GLY A 13 -2.08 -4.88 3.40
CA GLY A 13 -2.24 -3.66 4.17
C GLY A 13 -1.26 -3.58 5.33
N VAL A 14 -0.04 -3.13 5.04
CA VAL A 14 0.99 -3.01 6.05
C VAL A 14 0.70 -1.84 6.99
N GLY A 15 0.17 -0.76 6.43
CA GLY A 15 -0.15 0.42 7.23
C GLY A 15 0.77 1.58 6.94
N LYS A 16 1.37 1.57 5.75
CA LYS A 16 2.28 2.64 5.35
C LYS A 16 1.63 3.55 4.31
N SER A 17 1.01 2.94 3.30
CA SER A 17 0.36 3.69 2.25
C SER A 17 -0.65 4.67 2.82
N HIS A 18 -1.23 4.32 3.97
CA HIS A 18 -2.21 5.17 4.63
C HIS A 18 -1.67 6.59 4.80
N VAL A 19 -0.36 6.69 5.00
CA VAL A 19 0.28 8.00 5.19
C VAL A 19 -0.03 8.93 4.02
N TRP A 20 0.17 8.43 2.81
CA TRP A 20 -0.08 9.22 1.61
C TRP A 20 -1.51 9.01 1.11
N MET A 1 -3.06 0.14 -6.14
CA MET A 1 -2.09 -0.45 -7.06
C MET A 1 -1.64 0.56 -8.10
N THR A 2 -1.16 1.71 -7.64
CA THR A 2 -0.69 2.76 -8.53
C THR A 2 0.79 3.04 -8.32
N GLU A 3 1.25 2.85 -7.09
CA GLU A 3 2.65 3.09 -6.75
C GLU A 3 3.09 2.20 -5.59
N TYR A 4 2.53 2.44 -4.42
CA TYR A 4 2.87 1.66 -3.24
C TYR A 4 1.72 0.72 -2.84
N LYS A 5 0.51 1.07 -3.30
CA LYS A 5 -0.66 0.27 -3.00
C LYS A 5 -0.58 -1.09 -3.67
N LEU A 6 0.34 -1.23 -4.62
CA LEU A 6 0.52 -2.48 -5.34
C LEU A 6 1.44 -3.43 -4.57
N VAL A 7 2.21 -2.88 -3.63
CA VAL A 7 3.12 -3.67 -2.83
C VAL A 7 2.66 -3.73 -1.37
N VAL A 8 2.52 -2.55 -0.76
CA VAL A 8 2.09 -2.47 0.63
C VAL A 8 0.67 -2.99 0.80
N VAL A 9 -0.26 -2.41 0.04
CA VAL A 9 -1.67 -2.82 0.11
C VAL A 9 -1.92 -4.05 -0.75
N GLY A 10 -1.07 -4.23 -1.78
CA GLY A 10 -1.22 -5.37 -2.66
C GLY A 10 -0.93 -6.69 -1.96
N ALA A 11 -0.23 -6.62 -0.84
CA ALA A 11 0.10 -7.81 -0.08
C ALA A 11 -1.01 -8.19 0.89
N GLY A 12 -1.62 -7.18 1.51
CA GLY A 12 -2.69 -7.43 2.45
C GLY A 12 -3.13 -6.17 3.16
N GLY A 13 -2.18 -5.32 3.51
CA GLY A 13 -2.50 -4.09 4.21
C GLY A 13 -1.65 -3.88 5.45
N VAL A 14 -0.51 -3.21 5.28
CA VAL A 14 0.39 -2.95 6.39
C VAL A 14 0.00 -1.67 7.13
N GLY A 15 -0.43 -0.67 6.36
CA GLY A 15 -0.83 0.59 6.95
C GLY A 15 0.11 1.73 6.60
N LYS A 16 0.79 1.58 5.47
CA LYS A 16 1.73 2.60 5.01
C LYS A 16 1.03 3.61 4.10
N SER A 17 0.29 3.10 3.12
CA SER A 17 -0.42 3.96 2.18
C SER A 17 -1.27 4.99 2.91
N HIS A 18 -1.73 4.62 4.10
CA HIS A 18 -2.56 5.51 4.91
C HIS A 18 -1.89 6.87 5.07
N VAL A 19 -0.56 6.88 5.06
CA VAL A 19 0.21 8.12 5.20
C VAL A 19 0.02 9.02 3.99
N TRP A 20 0.19 8.46 2.80
CA TRP A 20 0.05 9.22 1.57
C TRP A 20 -1.32 8.98 0.94
N MET A 1 -3.09 0.03 -6.27
CA MET A 1 -2.07 -0.52 -7.17
C MET A 1 -1.62 0.52 -8.18
N THR A 2 -1.19 1.68 -7.69
CA THR A 2 -0.73 2.76 -8.55
C THR A 2 0.74 3.09 -8.28
N GLU A 3 1.17 2.89 -7.05
CA GLU A 3 2.56 3.16 -6.66
C GLU A 3 2.99 2.26 -5.51
N TYR A 4 2.38 2.46 -4.35
CA TYR A 4 2.71 1.67 -3.17
C TYR A 4 1.59 0.71 -2.83
N LYS A 5 0.38 1.02 -3.30
CA LYS A 5 -0.78 0.18 -3.06
C LYS A 5 -0.64 -1.17 -3.76
N LEU A 6 0.32 -1.25 -4.67
CA LEU A 6 0.55 -2.49 -5.42
C LEU A 6 1.48 -3.42 -4.64
N VAL A 7 2.20 -2.87 -3.67
CA VAL A 7 3.12 -3.65 -2.85
C VAL A 7 2.62 -3.75 -1.41
N VAL A 8 2.44 -2.59 -0.78
CA VAL A 8 1.97 -2.54 0.60
C VAL A 8 0.56 -3.08 0.72
N VAL A 9 -0.37 -2.49 -0.02
CA VAL A 9 -1.76 -2.92 -0.01
C VAL A 9 -1.97 -4.15 -0.88
N GLY A 10 -1.10 -4.32 -1.87
CA GLY A 10 -1.20 -5.46 -2.76
C GLY A 10 -0.91 -6.77 -2.06
N ALA A 11 -0.24 -6.70 -0.92
CA ALA A 11 0.10 -7.88 -0.16
C ALA A 11 -0.99 -8.23 0.85
N GLY A 12 -1.47 -7.20 1.57
CA GLY A 12 -2.52 -7.41 2.55
C GLY A 12 -2.98 -6.11 3.18
N GLY A 13 -2.04 -5.23 3.48
CA GLY A 13 -2.39 -3.95 4.09
C GLY A 13 -1.56 -3.66 5.32
N VAL A 14 -0.43 -2.98 5.14
CA VAL A 14 0.45 -2.64 6.25
C VAL A 14 0.01 -1.35 6.92
N GLY A 15 -0.46 -0.40 6.10
CA GLY A 15 -0.90 0.87 6.64
C GLY A 15 0.00 2.02 6.23
N LYS A 16 0.78 1.81 5.17
CA LYS A 16 1.69 2.83 4.67
C LYS A 16 0.93 3.90 3.89
N SER A 17 0.08 3.47 2.96
CA SER A 17 -0.70 4.39 2.15
C SER A 17 -1.45 5.39 3.03
N HIS A 18 -1.82 4.94 4.22
CA HIS A 18 -2.55 5.80 5.16
C HIS A 18 -1.80 7.11 5.39
N VAL A 19 -0.48 7.06 5.27
CA VAL A 19 0.35 8.25 5.46
C VAL A 19 0.21 9.22 4.29
N TRP A 20 0.35 8.69 3.08
CA TRP A 20 0.24 9.51 1.88
C TRP A 20 -1.15 9.36 1.25
N MET A 1 -3.07 0.11 -6.41
CA MET A 1 -2.04 -0.48 -7.26
C MET A 1 -1.57 0.50 -8.32
N THR A 2 -1.16 1.69 -7.88
CA THR A 2 -0.68 2.71 -8.80
C THR A 2 0.77 3.06 -8.54
N GLU A 3 1.20 2.92 -7.29
CA GLU A 3 2.56 3.22 -6.90
C GLU A 3 2.99 2.39 -5.68
N TYR A 4 2.36 2.67 -4.55
CA TYR A 4 2.67 1.95 -3.31
C TYR A 4 1.54 1.00 -2.93
N LYS A 5 0.35 1.29 -3.44
CA LYS A 5 -0.83 0.46 -3.16
C LYS A 5 -0.67 -0.93 -3.76
N LEU A 6 0.31 -1.08 -4.66
CA LEU A 6 0.56 -2.36 -5.30
C LEU A 6 1.46 -3.23 -4.44
N VAL A 7 2.14 -2.61 -3.49
CA VAL A 7 3.04 -3.33 -2.59
C VAL A 7 2.52 -3.33 -1.16
N VAL A 8 2.29 -2.14 -0.61
CA VAL A 8 1.78 -2.01 0.75
C VAL A 8 0.37 -2.57 0.86
N VAL A 9 -0.54 -2.02 0.06
CA VAL A 9 -1.93 -2.47 0.06
C VAL A 9 -2.10 -3.76 -0.73
N GLY A 10 -1.21 -3.98 -1.70
CA GLY A 10 -1.28 -5.18 -2.51
C GLY A 10 -1.03 -6.43 -1.71
N ALA A 11 -0.41 -6.28 -0.54
CA ALA A 11 -0.11 -7.42 0.32
C ALA A 11 -1.24 -7.66 1.32
N GLY A 12 -1.60 -6.62 2.06
CA GLY A 12 -2.67 -6.74 3.04
C GLY A 12 -2.75 -5.54 3.96
N GLY A 13 -2.49 -4.36 3.40
CA GLY A 13 -2.54 -3.13 4.19
C GLY A 13 -1.53 -3.14 5.33
N VAL A 14 -0.25 -2.99 4.97
CA VAL A 14 0.82 -2.97 5.97
C VAL A 14 0.61 -1.84 6.96
N GLY A 15 0.10 -0.71 6.48
CA GLY A 15 -0.14 0.42 7.35
C GLY A 15 0.78 1.60 7.03
N LYS A 16 1.32 1.60 5.82
CA LYS A 16 2.21 2.67 5.38
C LYS A 16 1.52 3.57 4.37
N SER A 17 0.85 2.97 3.40
CA SER A 17 0.15 3.72 2.36
C SER A 17 -0.83 4.71 2.98
N HIS A 18 -1.33 4.37 4.17
CA HIS A 18 -2.28 5.23 4.87
C HIS A 18 -1.72 6.65 5.02
N VAL A 19 -0.40 6.76 5.09
CA VAL A 19 0.25 8.04 5.24
C VAL A 19 -0.05 8.95 4.06
N TRP A 20 0.04 8.40 2.86
CA TRP A 20 -0.22 9.16 1.65
C TRP A 20 -1.68 9.03 1.23
N MET A 1 -3.22 0.22 -6.19
CA MET A 1 -2.27 -0.39 -7.13
C MET A 1 -1.87 0.61 -8.21
N THR A 2 -1.40 1.78 -7.79
CA THR A 2 -0.99 2.82 -8.72
C THR A 2 0.49 3.14 -8.56
N GLU A 3 1.01 2.95 -7.36
CA GLU A 3 2.41 3.22 -7.08
C GLU A 3 2.91 2.37 -5.92
N TYR A 4 2.40 2.65 -4.73
CA TYR A 4 2.79 1.91 -3.54
C TYR A 4 1.66 0.98 -3.07
N LYS A 5 0.44 1.29 -3.48
CA LYS A 5 -0.72 0.49 -3.11
C LYS A 5 -0.63 -0.90 -3.72
N LEU A 6 0.26 -1.06 -4.69
CA LEU A 6 0.44 -2.35 -5.36
C LEU A 6 1.41 -3.23 -4.58
N VAL A 7 2.17 -2.62 -3.67
CA VAL A 7 3.13 -3.35 -2.85
C VAL A 7 2.70 -3.38 -1.40
N VAL A 8 2.51 -2.19 -0.82
CA VAL A 8 2.09 -2.08 0.58
C VAL A 8 0.70 -2.67 0.79
N VAL A 9 -0.28 -2.14 0.05
CA VAL A 9 -1.65 -2.61 0.15
C VAL A 9 -1.86 -3.88 -0.66
N GLY A 10 -1.06 -4.04 -1.71
CA GLY A 10 -1.18 -5.21 -2.57
C GLY A 10 -0.90 -6.50 -1.81
N ALA A 11 -0.23 -6.37 -0.67
CA ALA A 11 0.10 -7.54 0.14
C ALA A 11 -1.04 -7.89 1.08
N GLY A 12 -1.60 -6.88 1.73
CA GLY A 12 -2.70 -7.11 2.65
C GLY A 12 -3.09 -5.86 3.42
N GLY A 13 -2.09 -5.06 3.78
CA GLY A 13 -2.35 -3.83 4.52
C GLY A 13 -1.42 -3.65 5.69
N VAL A 14 -0.26 -3.06 5.44
CA VAL A 14 0.73 -2.83 6.48
C VAL A 14 0.41 -1.57 7.28
N GLY A 15 -0.02 -0.52 6.58
CA GLY A 15 -0.36 0.72 7.24
C GLY A 15 0.61 1.83 6.91
N LYS A 16 1.36 1.67 5.82
CA LYS A 16 2.33 2.67 5.40
C LYS A 16 1.75 3.56 4.29
N SER A 17 1.38 2.93 3.18
CA SER A 17 0.82 3.66 2.04
C SER A 17 -0.35 4.55 2.49
N HIS A 18 -1.05 4.11 3.53
CA HIS A 18 -2.19 4.86 4.06
C HIS A 18 -1.80 6.31 4.33
N VAL A 19 -0.53 6.52 4.67
CA VAL A 19 -0.03 7.86 4.97
C VAL A 19 -0.27 8.80 3.79
N TRP A 20 0.06 8.34 2.60
CA TRP A 20 -0.12 9.14 1.39
C TRP A 20 -1.45 8.81 0.71
N MET A 1 -3.21 0.29 -6.09
CA MET A 1 -2.27 -0.31 -7.04
C MET A 1 -1.86 0.68 -8.12
N THR A 2 -1.35 1.83 -7.70
CA THR A 2 -0.92 2.87 -8.62
C THR A 2 0.57 3.16 -8.48
N GLU A 3 1.09 2.99 -7.26
CA GLU A 3 2.50 3.23 -6.99
C GLU A 3 2.99 2.34 -5.85
N TYR A 4 2.47 2.60 -4.65
CA TYR A 4 2.86 1.84 -3.47
C TYR A 4 1.73 0.91 -3.02
N LYS A 5 0.51 1.25 -3.42
CA LYS A 5 -0.65 0.45 -3.06
C LYS A 5 -0.61 -0.92 -3.72
N LEU A 6 0.28 -1.06 -4.70
CA LEU A 6 0.44 -2.32 -5.42
C LEU A 6 1.40 -3.25 -4.68
N VAL A 7 2.19 -2.68 -3.77
CA VAL A 7 3.15 -3.46 -3.00
C VAL A 7 2.76 -3.51 -1.53
N VAL A 8 2.64 -2.34 -0.92
CA VAL A 8 2.27 -2.24 0.49
C VAL A 8 0.84 -2.74 0.72
N VAL A 9 -0.12 -2.10 0.04
CA VAL A 9 -1.51 -2.47 0.18
C VAL A 9 -1.82 -3.73 -0.63
N GLY A 10 -1.04 -3.97 -1.68
CA GLY A 10 -1.24 -5.14 -2.50
C GLY A 10 -1.08 -6.44 -1.74
N ALA A 11 -0.39 -6.36 -0.60
CA ALA A 11 -0.16 -7.54 0.24
C ALA A 11 -1.34 -7.78 1.17
N GLY A 12 -1.86 -6.71 1.76
CA GLY A 12 -2.99 -6.83 2.67
C GLY A 12 -3.27 -5.53 3.41
N GLY A 13 -2.21 -4.82 3.77
CA GLY A 13 -2.38 -3.57 4.49
C GLY A 13 -1.46 -3.45 5.69
N VAL A 14 -0.28 -2.88 5.48
CA VAL A 14 0.70 -2.72 6.55
C VAL A 14 0.46 -1.42 7.32
N GLY A 15 -0.05 -0.40 6.61
CA GLY A 15 -0.31 0.88 7.24
C GLY A 15 0.62 1.96 6.75
N LYS A 16 1.23 1.74 5.60
CA LYS A 16 2.16 2.72 5.01
C LYS A 16 1.43 3.63 4.04
N SER A 17 0.83 3.05 3.01
CA SER A 17 0.11 3.81 2.00
C SER A 17 -0.90 4.74 2.66
N HIS A 18 -1.43 4.32 3.80
CA HIS A 18 -2.41 5.12 4.53
C HIS A 18 -1.91 6.54 4.75
N VAL A 19 -0.60 6.69 4.85
CA VAL A 19 0.01 8.00 5.05
C VAL A 19 -0.20 8.90 3.84
N TRP A 20 0.10 8.37 2.66
CA TRP A 20 -0.06 9.12 1.42
C TRP A 20 -1.36 8.73 0.71
N MET A 1 -1.18 -0.63 -6.71
CA MET A 1 -1.30 -0.70 -8.16
C MET A 1 -1.04 0.67 -8.78
N THR A 2 -0.96 1.70 -7.95
CA THR A 2 -0.73 3.06 -8.43
C THR A 2 0.72 3.48 -8.17
N GLU A 3 1.32 2.92 -7.13
CA GLU A 3 2.70 3.23 -6.78
C GLU A 3 3.19 2.33 -5.65
N TYR A 4 2.61 2.50 -4.47
CA TYR A 4 3.00 1.72 -3.30
C TYR A 4 1.89 0.73 -2.93
N LYS A 5 0.67 1.02 -3.37
CA LYS A 5 -0.47 0.17 -3.07
C LYS A 5 -0.26 -1.23 -3.65
N LEU A 6 0.66 -1.34 -4.60
CA LEU A 6 0.97 -2.63 -5.21
C LEU A 6 1.91 -3.46 -4.34
N VAL A 7 2.50 -2.80 -3.36
CA VAL A 7 3.43 -3.47 -2.45
C VAL A 7 2.87 -3.51 -1.03
N VAL A 8 2.57 -2.33 -0.50
CA VAL A 8 2.03 -2.23 0.85
C VAL A 8 0.65 -2.87 0.95
N VAL A 9 -0.29 -2.38 0.14
CA VAL A 9 -1.64 -2.92 0.13
C VAL A 9 -1.72 -4.22 -0.65
N GLY A 10 -0.80 -4.39 -1.59
CA GLY A 10 -0.78 -5.60 -2.39
C GLY A 10 -0.45 -6.84 -1.57
N ALA A 11 0.16 -6.62 -0.41
CA ALA A 11 0.52 -7.73 0.47
C ALA A 11 -0.63 -8.11 1.39
N GLY A 12 -1.40 -7.11 1.81
CA GLY A 12 -2.53 -7.37 2.69
C GLY A 12 -2.98 -6.12 3.43
N GLY A 13 -2.07 -5.16 3.57
CA GLY A 13 -2.41 -3.93 4.27
C GLY A 13 -1.55 -3.69 5.50
N VAL A 14 -0.44 -2.99 5.32
CA VAL A 14 0.47 -2.71 6.42
C VAL A 14 0.07 -1.43 7.15
N GLY A 15 -0.43 -0.46 6.39
CA GLY A 15 -0.84 0.81 6.98
C GLY A 15 0.05 1.96 6.59
N LYS A 16 0.80 1.78 5.50
CA LYS A 16 1.70 2.81 5.01
C LYS A 16 0.99 3.77 4.07
N SER A 17 0.32 3.21 3.06
CA SER A 17 -0.41 4.01 2.08
C SER A 17 -1.35 4.98 2.77
N HIS A 18 -1.85 4.58 3.95
CA HIS A 18 -2.77 5.41 4.71
C HIS A 18 -2.17 6.81 4.94
N VAL A 19 -0.85 6.88 4.99
CA VAL A 19 -0.16 8.15 5.21
C VAL A 19 -0.18 9.01 3.95
N TRP A 20 0.22 8.41 2.83
CA TRP A 20 0.24 9.13 1.55
C TRP A 20 -1.17 9.30 1.01
N MET A 1 -3.42 0.11 -6.09
CA MET A 1 -2.50 -0.42 -7.11
C MET A 1 -2.20 0.63 -8.17
N THR A 2 -1.76 1.81 -7.73
CA THR A 2 -1.43 2.90 -8.65
C THR A 2 0.05 3.27 -8.55
N GLU A 3 0.63 3.06 -7.37
CA GLU A 3 2.04 3.38 -7.16
C GLU A 3 2.63 2.51 -6.06
N TYR A 4 2.16 2.70 -4.84
CA TYR A 4 2.65 1.93 -3.70
C TYR A 4 1.59 0.94 -3.22
N LYS A 5 0.34 1.22 -3.56
CA LYS A 5 -0.77 0.36 -3.16
C LYS A 5 -0.67 -1.00 -3.86
N LEU A 6 0.18 -1.08 -4.87
CA LEU A 6 0.37 -2.32 -5.62
C LEU A 6 1.39 -3.21 -4.93
N VAL A 7 2.17 -2.63 -4.03
CA VAL A 7 3.19 -3.37 -3.30
C VAL A 7 2.86 -3.44 -1.81
N VAL A 8 2.72 -2.28 -1.19
CA VAL A 8 2.40 -2.22 0.24
C VAL A 8 1.01 -2.77 0.51
N VAL A 9 0.00 -2.17 -0.11
CA VAL A 9 -1.39 -2.61 0.06
C VAL A 9 -1.66 -3.88 -0.73
N GLY A 10 -0.91 -4.09 -1.79
CA GLY A 10 -1.08 -5.28 -2.61
C GLY A 10 -0.84 -6.55 -1.85
N ALA A 11 -0.13 -6.44 -0.72
CA ALA A 11 0.18 -7.60 0.11
C ALA A 11 -0.88 -7.80 1.18
N GLY A 12 -1.51 -6.71 1.60
CA GLY A 12 -2.54 -6.80 2.63
C GLY A 12 -2.85 -5.45 3.24
N GLY A 13 -1.87 -4.55 3.22
CA GLY A 13 -2.07 -3.23 3.79
C GLY A 13 -1.43 -3.07 5.14
N VAL A 14 -0.12 -2.81 5.16
CA VAL A 14 0.62 -2.64 6.40
C VAL A 14 0.08 -1.47 7.21
N GLY A 15 -0.27 -0.39 6.51
CA GLY A 15 -0.81 0.78 7.19
C GLY A 15 0.19 1.92 7.25
N LYS A 16 1.21 1.86 6.40
CA LYS A 16 2.24 2.89 6.37
C LYS A 16 2.12 3.74 5.09
N SER A 17 1.97 3.07 3.96
CA SER A 17 1.84 3.76 2.68
C SER A 17 0.58 4.60 2.64
N HIS A 18 -0.40 4.23 3.45
CA HIS A 18 -1.67 4.95 3.52
C HIS A 18 -1.44 6.43 3.81
N VAL A 19 -0.33 6.72 4.48
CA VAL A 19 0.01 8.10 4.83
C VAL A 19 -0.05 9.00 3.60
N TRP A 20 0.24 8.42 2.44
CA TRP A 20 0.21 9.18 1.19
C TRP A 20 -1.11 9.02 0.47
N MET A 1 -1.77 -0.60 -6.63
CA MET A 1 -2.09 -0.68 -8.05
C MET A 1 -1.99 0.70 -8.70
N THR A 2 -1.64 1.70 -7.91
CA THR A 2 -1.50 3.06 -8.42
C THR A 2 -0.06 3.55 -8.30
N GLU A 3 0.70 2.96 -7.38
CA GLU A 3 2.09 3.34 -7.18
C GLU A 3 2.73 2.45 -6.11
N TYR A 4 2.26 2.59 -4.87
CA TYR A 4 2.80 1.81 -3.77
C TYR A 4 1.77 0.79 -3.27
N LYS A 5 0.51 1.04 -3.56
CA LYS A 5 -0.56 0.16 -3.15
C LYS A 5 -0.39 -1.22 -3.77
N LEU A 6 0.40 -1.29 -4.83
CA LEU A 6 0.65 -2.55 -5.52
C LEU A 6 1.74 -3.36 -4.81
N VAL A 7 2.45 -2.71 -3.89
CA VAL A 7 3.51 -3.36 -3.14
C VAL A 7 3.16 -3.45 -1.66
N VAL A 8 2.86 -2.31 -1.05
CA VAL A 8 2.50 -2.28 0.37
C VAL A 8 1.17 -2.98 0.62
N VAL A 9 0.12 -2.50 -0.04
CA VAL A 9 -1.20 -3.09 0.10
C VAL A 9 -1.33 -4.38 -0.71
N GLY A 10 -0.56 -4.46 -1.78
CA GLY A 10 -0.60 -5.64 -2.63
C GLY A 10 -0.19 -6.90 -1.89
N ALA A 11 0.48 -6.73 -0.76
CA ALA A 11 0.93 -7.86 0.04
C ALA A 11 -0.12 -8.25 1.08
N GLY A 12 -0.71 -7.24 1.71
CA GLY A 12 -1.74 -7.49 2.71
C GLY A 12 -2.46 -6.23 3.14
N GLY A 13 -1.69 -5.17 3.38
CA GLY A 13 -2.28 -3.91 3.80
C GLY A 13 -1.92 -3.54 5.22
N VAL A 14 -0.70 -3.06 5.41
CA VAL A 14 -0.22 -2.67 6.74
C VAL A 14 -0.89 -1.37 7.19
N GLY A 15 -0.85 -0.36 6.32
CA GLY A 15 -1.45 0.92 6.66
C GLY A 15 -0.41 2.02 6.82
N LYS A 16 0.77 1.81 6.26
CA LYS A 16 1.85 2.77 6.34
C LYS A 16 1.88 3.68 5.11
N SER A 17 1.88 3.06 3.93
CA SER A 17 1.90 3.80 2.68
C SER A 17 0.68 4.71 2.57
N HIS A 18 -0.38 4.37 3.30
CA HIS A 18 -1.61 5.16 3.29
C HIS A 18 -1.32 6.63 3.60
N VAL A 19 -0.25 6.86 4.35
CA VAL A 19 0.14 8.22 4.74
C VAL A 19 0.21 9.13 3.51
N TRP A 20 0.54 8.54 2.36
CA TRP A 20 0.65 9.30 1.12
C TRP A 20 -0.72 9.48 0.48
N MET A 1 -1.89 -0.53 -6.61
CA MET A 1 -2.23 -0.57 -8.03
C MET A 1 -2.14 0.82 -8.65
N THR A 2 -1.76 1.80 -7.83
CA THR A 2 -1.63 3.18 -8.31
C THR A 2 -0.18 3.65 -8.22
N GLU A 3 0.59 3.02 -7.34
CA GLU A 3 1.99 3.36 -7.17
C GLU A 3 2.66 2.47 -6.13
N TYR A 4 2.22 2.58 -4.89
CA TYR A 4 2.77 1.78 -3.80
C TYR A 4 1.75 0.76 -3.31
N LYS A 5 0.48 1.04 -3.56
CA LYS A 5 -0.59 0.14 -3.14
C LYS A 5 -0.46 -1.22 -3.81
N LEU A 6 0.31 -1.27 -4.88
CA LEU A 6 0.53 -2.52 -5.61
C LEU A 6 1.59 -3.38 -4.92
N VAL A 7 2.35 -2.77 -4.03
CA VAL A 7 3.39 -3.47 -3.29
C VAL A 7 3.06 -3.57 -1.81
N VAL A 8 2.83 -2.41 -1.18
CA VAL A 8 2.50 -2.37 0.24
C VAL A 8 1.18 -3.07 0.51
N VAL A 9 0.13 -2.63 -0.16
CA VAL A 9 -1.19 -3.21 0.01
C VAL A 9 -1.36 -4.46 -0.85
N GLY A 10 -0.63 -4.53 -1.95
CA GLY A 10 -0.70 -5.68 -2.84
C GLY A 10 -0.22 -6.95 -2.17
N ALA A 11 0.54 -6.80 -1.09
CA ALA A 11 1.05 -7.96 -0.36
C ALA A 11 0.11 -8.37 0.76
N GLY A 12 -0.41 -7.37 1.49
CA GLY A 12 -1.31 -7.65 2.59
C GLY A 12 -2.18 -6.46 2.93
N GLY A 13 -1.56 -5.40 3.42
CA GLY A 13 -2.30 -4.21 3.80
C GLY A 13 -1.98 -3.73 5.19
N VAL A 14 -0.77 -3.23 5.38
CA VAL A 14 -0.33 -2.73 6.69
C VAL A 14 -1.03 -1.42 7.04
N GLY A 15 -0.85 -0.42 6.19
CA GLY A 15 -1.48 0.87 6.43
C GLY A 15 -0.46 1.96 6.70
N LYS A 16 0.72 1.83 6.10
CA LYS A 16 1.79 2.81 6.29
C LYS A 16 1.85 3.77 5.10
N SER A 17 1.90 3.22 3.90
CA SER A 17 1.96 4.02 2.69
C SER A 17 0.75 4.92 2.57
N HIS A 18 -0.32 4.57 3.27
CA HIS A 18 -1.55 5.34 3.24
C HIS A 18 -1.29 6.80 3.58
N VAL A 19 -0.24 7.04 4.36
CA VAL A 19 0.13 8.40 4.76
C VAL A 19 0.24 9.32 3.53
N TRP A 20 0.61 8.74 2.40
CA TRP A 20 0.75 9.50 1.17
C TRP A 20 -0.58 9.58 0.42
N MET A 1 -1.58 -0.53 -6.75
CA MET A 1 -1.72 -0.59 -8.20
C MET A 1 -1.32 0.73 -8.85
N THR A 2 -0.95 1.70 -8.02
CA THR A 2 -0.55 3.01 -8.52
C THR A 2 0.90 3.33 -8.12
N GLU A 3 1.32 2.80 -6.98
CA GLU A 3 2.67 3.02 -6.48
C GLU A 3 2.99 2.10 -5.31
N TYR A 4 2.28 2.29 -4.20
CA TYR A 4 2.48 1.48 -3.01
C TYR A 4 1.29 0.56 -2.76
N LYS A 5 0.15 0.92 -3.33
CA LYS A 5 -1.07 0.13 -3.18
C LYS A 5 -0.88 -1.27 -3.76
N LEU A 6 0.14 -1.42 -4.59
CA LEU A 6 0.43 -2.72 -5.22
C LEU A 6 1.40 -3.52 -4.36
N VAL A 7 2.10 -2.84 -3.47
CA VAL A 7 3.07 -3.50 -2.58
C VAL A 7 2.55 -3.54 -1.15
N VAL A 8 2.55 -2.38 -0.49
CA VAL A 8 2.09 -2.29 0.88
C VAL A 8 0.66 -2.79 1.02
N VAL A 9 -0.22 -2.30 0.15
CA VAL A 9 -1.63 -2.70 0.17
C VAL A 9 -1.85 -3.94 -0.68
N GLY A 10 -0.98 -4.15 -1.65
CA GLY A 10 -1.10 -5.31 -2.52
C GLY A 10 -0.70 -6.60 -1.84
N ALA A 11 0.05 -6.48 -0.75
CA ALA A 11 0.50 -7.65 0.00
C ALA A 11 -0.53 -8.04 1.05
N GLY A 12 -1.23 -7.06 1.60
CA GLY A 12 -2.23 -7.33 2.61
C GLY A 12 -2.74 -6.06 3.28
N GLY A 13 -1.81 -5.18 3.64
CA GLY A 13 -2.18 -3.94 4.29
C GLY A 13 -1.33 -3.65 5.52
N VAL A 14 -0.17 -3.05 5.31
CA VAL A 14 0.73 -2.72 6.41
C VAL A 14 0.28 -1.47 7.14
N GLY A 15 -0.21 -0.48 6.38
CA GLY A 15 -0.67 0.75 6.98
C GLY A 15 0.21 1.93 6.63
N LYS A 16 0.94 1.81 5.53
CA LYS A 16 1.83 2.88 5.09
C LYS A 16 1.08 3.89 4.22
N SER A 17 0.32 3.39 3.26
CA SER A 17 -0.44 4.25 2.37
C SER A 17 -1.30 5.24 3.16
N HIS A 18 -1.73 4.82 4.35
CA HIS A 18 -2.55 5.66 5.21
C HIS A 18 -1.87 7.00 5.46
N VAL A 19 -0.54 7.01 5.41
CA VAL A 19 0.23 8.23 5.64
C VAL A 19 0.17 9.14 4.42
N TRP A 20 0.46 8.57 3.25
CA TRP A 20 0.44 9.34 2.00
C TRP A 20 -0.98 9.66 1.59
#